data_4G4O
#
_entry.id   4G4O
#
_cell.length_a   45.188
_cell.length_b   93.541
_cell.length_c   104.650
_cell.angle_alpha   90.00
_cell.angle_beta   90.00
_cell.angle_gamma   90.00
#
_symmetry.space_group_name_H-M   'P 21 21 21'
#
loop_
_entity.id
_entity.type
_entity.pdbx_description
1 polymer 'Formamidopyrimidine-DNA glycosylase'
2 polymer "DNA (5'-D(P*AP*GP*GP*TP*AP*GP*AP*CP*TP*CP*GP*GP*AP*CP*GP*C)-3')"
3 polymer "DNA (5'-D(*TP*GP*CP*GP*TP*CP*CP*(8OG)P*AP*GP*(TX2)P*CP*TP*AP*CP*C)-3')"
4 non-polymer 'ZINC ION'
5 water water
#
loop_
_entity_poly.entity_id
_entity_poly.type
_entity_poly.pdbx_seq_one_letter_code
_entity_poly.pdbx_strand_id
1 'polypeptide(L)'
;PQLPEVETIRRTLLPLIVGKTIEDVRIFWPNIIRHPRDSEAFAARMIGQTVRGLERRGKFLKFLLDRDALISHLRAEGRY
AVASALEPLEPHTHVVFCFTDGSELRYRDVRKFGTMHVYAKEEADRRPPLAELGPEPLSPAFSPAVLAERAVKTKRSVKA
LLLDCTVVAGFGNIYVDESLFRAGILPGRPAASLSSKEIERLHEEMVATIGEAVMKGGSTVRTYVNTQGEAGTFQHHLYV
YGRQGNPCKRCGTPIEKTVVAGRGTHYCPRCQR
;
A
2 'polydeoxyribonucleotide' (DA)(DG)(DG)(DT)(DA)(DG)(DA)(DC)(DT)(DC)(DG)(DG)(DA)(DC)(DG)(DC) B
3 'polydeoxyribonucleotide' (DT)(DG)(DC)(DG)(DT)(DC)(DC)(8OG)(DA)(DG)(TX2)(DC)(DT)(DA)(DC)(DC) C
#
loop_
_chem_comp.id
_chem_comp.type
_chem_comp.name
_chem_comp.formula
8OG DNA linking 8-OXO-2'-DEOXY-GUANOSINE-5'-MONOPHOSPHATE 'C10 H14 N5 O8 P'
DA DNA linking 2'-DEOXYADENOSINE-5'-MONOPHOSPHATE 'C10 H14 N5 O6 P'
DC DNA linking 2'-DEOXYCYTIDINE-5'-MONOPHOSPHATE 'C9 H14 N3 O7 P'
DG DNA linking 2'-DEOXYGUANOSINE-5'-MONOPHOSPHATE 'C10 H14 N5 O7 P'
DT DNA linking THYMIDINE-5'-MONOPHOSPHATE 'C10 H15 N2 O8 P'
TX2 DNA linking 5'-O-{(R)-hydroxy[(2-sulfanylethyl)amino]phosphoryl}thymidine 'C12 H20 N3 O7 P S'
ZN non-polymer 'ZINC ION' 'Zn 2'
#
# COMPACT_ATOMS: atom_id res chain seq x y z
N PRO A 1 -3.40 4.12 5.11
CA PRO A 1 -2.05 4.67 4.91
C PRO A 1 -1.58 4.54 3.46
N GLN A 2 -0.95 5.61 2.94
CA GLN A 2 -0.30 5.57 1.63
C GLN A 2 1.10 4.96 1.76
N LEU A 3 1.68 4.59 0.62
CA LEU A 3 3.01 3.96 0.59
C LEU A 3 4.02 4.66 1.51
N PRO A 4 4.13 5.99 1.42
CA PRO A 4 5.08 6.70 2.29
C PRO A 4 4.73 6.54 3.76
N GLU A 5 3.44 6.51 4.09
CA GLU A 5 3.03 6.30 5.48
C GLU A 5 3.35 4.88 5.93
N VAL A 6 3.17 3.91 5.04
CA VAL A 6 3.49 2.52 5.40
C VAL A 6 4.98 2.42 5.65
N GLU A 7 5.78 3.09 4.83
CA GLU A 7 7.21 3.07 5.07
C GLU A 7 7.51 3.66 6.44
N THR A 8 6.79 4.71 6.81
CA THR A 8 6.98 5.33 8.13
C THR A 8 6.56 4.37 9.23
N ILE A 9 5.43 3.68 9.01
CA ILE A 9 4.99 2.68 9.99
C ILE A 9 6.05 1.59 10.10
N ARG A 10 6.56 1.14 8.96
CA ARG A 10 7.57 0.10 8.96
C ARG A 10 8.75 0.51 9.81
N ARG A 11 9.23 1.71 9.56
CA ARG A 11 10.41 2.24 10.24
C ARG A 11 10.19 2.41 11.74
N THR A 12 9.03 2.94 12.12
CA THR A 12 8.81 3.25 13.54
C THR A 12 8.37 2.04 14.36
N LEU A 13 7.61 1.14 13.74
CA LEU A 13 7.10 -0.04 14.46
C LEU A 13 8.21 -1.06 14.79
N LEU A 14 9.15 -1.24 13.86
CA LEU A 14 10.17 -2.28 14.00
C LEU A 14 10.90 -2.29 15.37
N PRO A 15 11.43 -1.14 15.81
CA PRO A 15 12.13 -1.11 17.11
C PRO A 15 11.21 -1.48 18.26
N LEU A 16 9.91 -1.24 18.08
CA LEU A 16 8.95 -1.47 19.15
C LEU A 16 8.54 -2.94 19.31
N ILE A 17 8.85 -3.77 18.31
CA ILE A 17 8.46 -5.17 18.37
C ILE A 17 9.61 -6.14 18.12
N VAL A 18 10.72 -5.66 17.59
CA VAL A 18 11.81 -6.57 17.26
C VAL A 18 12.30 -7.30 18.51
N GLY A 19 12.54 -8.59 18.38
CA GLY A 19 13.08 -9.38 19.47
C GLY A 19 12.02 -9.86 20.45
N LYS A 20 10.77 -9.45 20.28
CA LYS A 20 9.70 -9.93 21.17
C LYS A 20 9.13 -11.26 20.71
N THR A 21 8.69 -12.08 21.67
CA THR A 21 8.19 -13.43 21.38
C THR A 21 6.69 -13.53 21.60
N ILE A 22 5.98 -14.08 20.63
CA ILE A 22 4.53 -14.22 20.71
C ILE A 22 4.11 -15.32 21.66
N GLU A 23 3.28 -14.96 22.63
CA GLU A 23 2.77 -15.91 23.59
C GLU A 23 1.32 -16.28 23.31
N ASP A 24 0.59 -15.38 22.66
CA ASP A 24 -0.81 -15.64 22.32
C ASP A 24 -1.19 -14.78 21.14
N VAL A 25 -2.18 -15.22 20.37
CA VAL A 25 -2.72 -14.39 19.30
C VAL A 25 -4.21 -14.42 19.46
N ARG A 26 -4.82 -13.25 19.59
CA ARG A 26 -6.25 -13.20 19.88
C ARG A 26 -6.96 -12.57 18.71
N ILE A 27 -8.01 -13.21 18.25
CA ILE A 27 -8.66 -12.76 17.04
C ILE A 27 -10.13 -12.50 17.32
N PHE A 28 -10.55 -11.27 17.07
CA PHE A 28 -11.90 -10.85 17.39
C PHE A 28 -12.75 -10.67 16.14
N TRP A 29 -12.09 -10.67 14.99
CA TRP A 29 -12.78 -10.65 13.70
C TRP A 29 -12.02 -11.54 12.74
N PRO A 30 -12.37 -12.84 12.71
CA PRO A 30 -11.66 -13.88 11.97
C PRO A 30 -11.50 -13.57 10.48
N ASN A 31 -12.43 -12.83 9.88
CA ASN A 31 -12.38 -12.59 8.43
C ASN A 31 -11.15 -11.81 7.96
N ILE A 32 -10.47 -11.13 8.87
CA ILE A 32 -9.24 -10.42 8.55
C ILE A 32 -8.18 -11.45 8.12
N ILE A 33 -8.22 -12.60 8.76
CA ILE A 33 -7.27 -13.68 8.49
C ILE A 33 -7.61 -14.36 7.17
N ARG A 34 -6.71 -14.25 6.20
CA ARG A 34 -6.94 -14.81 4.89
C ARG A 34 -6.17 -16.11 4.67
N HIS A 35 -5.02 -16.23 5.31
CA HIS A 35 -4.25 -17.49 5.28
C HIS A 35 -3.43 -17.67 6.54
N PRO A 36 -3.47 -18.88 7.13
CA PRO A 36 -4.34 -20.03 6.84
C PRO A 36 -5.81 -19.60 6.89
N ARG A 37 -6.69 -20.34 6.24
CA ARG A 37 -8.10 -19.92 6.17
C ARG A 37 -8.79 -19.97 7.53
N ASP A 38 -8.36 -20.93 8.34
CA ASP A 38 -8.84 -21.09 9.71
C ASP A 38 -8.08 -20.17 10.64
N SER A 39 -8.78 -19.21 11.24
CA SER A 39 -8.13 -18.26 12.14
C SER A 39 -7.47 -18.97 13.31
N GLU A 40 -8.02 -20.11 13.73
CA GLU A 40 -7.42 -20.85 14.84
C GLU A 40 -6.04 -21.41 14.48
N ALA A 41 -5.84 -21.77 13.21
CA ALA A 41 -4.53 -22.23 12.75
C ALA A 41 -3.54 -21.07 12.66
N PHE A 42 -4.02 -19.93 12.15
CA PHE A 42 -3.23 -18.70 12.09
C PHE A 42 -2.69 -18.37 13.46
N ALA A 43 -3.57 -18.37 14.46
CA ALA A 43 -3.16 -18.02 15.82
C ALA A 43 -2.17 -19.06 16.38
N ALA A 44 -2.51 -20.33 16.24
CA ALA A 44 -1.69 -21.41 16.78
C ALA A 44 -0.27 -21.37 16.25
N ARG A 45 -0.13 -21.13 14.95
CA ARG A 45 1.20 -21.27 14.33
C ARG A 45 2.16 -20.16 14.74
N MET A 46 1.63 -19.00 15.05
N MET A 46 1.61 -19.00 15.03
CA MET A 46 2.49 -17.86 15.37
CA MET A 46 2.43 -17.83 15.39
C MET A 46 2.97 -17.87 16.81
C MET A 46 3.02 -17.96 16.78
N ILE A 47 2.30 -18.65 17.65
CA ILE A 47 2.69 -18.72 19.06
C ILE A 47 4.08 -19.33 19.20
N GLY A 48 4.93 -18.67 19.97
CA GLY A 48 6.28 -19.15 20.18
C GLY A 48 7.29 -18.55 19.23
N GLN A 49 6.82 -17.87 18.19
CA GLN A 49 7.78 -17.22 17.27
C GLN A 49 8.19 -15.85 17.74
N THR A 50 9.44 -15.50 17.47
CA THR A 50 9.99 -14.19 17.78
C THR A 50 10.00 -13.27 16.55
N VAL A 51 9.70 -12.00 16.77
CA VAL A 51 9.76 -11.03 15.68
C VAL A 51 11.21 -10.66 15.33
N ARG A 52 11.59 -10.86 14.07
CA ARG A 52 12.97 -10.61 13.65
C ARG A 52 13.14 -9.39 12.76
N GLY A 53 12.10 -9.03 12.02
CA GLY A 53 12.27 -7.89 11.13
C GLY A 53 10.93 -7.38 10.63
N LEU A 54 10.95 -6.28 9.92
CA LEU A 54 9.75 -5.72 9.33
C LEU A 54 10.15 -5.03 8.05
N GLU A 55 9.61 -5.54 6.95
CA GLU A 55 9.89 -5.00 5.63
C GLU A 55 8.60 -4.47 5.03
N ARG A 56 8.74 -3.70 3.95
CA ARG A 56 7.60 -3.19 3.21
C ARG A 56 7.71 -3.58 1.74
N ARG A 57 6.60 -4.03 1.16
N ARG A 57 6.60 -4.03 1.16
CA ARG A 57 6.50 -4.24 -0.28
CA ARG A 57 6.49 -4.24 -0.27
C ARG A 57 5.25 -3.53 -0.74
C ARG A 57 5.24 -3.51 -0.71
N GLY A 58 5.41 -2.45 -1.50
CA GLY A 58 4.27 -1.62 -1.85
C GLY A 58 3.64 -1.07 -0.57
N LYS A 59 2.34 -1.31 -0.39
CA LYS A 59 1.66 -0.94 0.84
C LYS A 59 1.56 -2.10 1.82
N PHE A 60 2.13 -3.24 1.47
CA PHE A 60 2.15 -4.37 2.41
C PHE A 60 3.25 -4.25 3.45
N LEU A 61 2.91 -4.56 4.70
CA LEU A 61 3.92 -4.82 5.71
C LEU A 61 4.22 -6.29 5.76
N LYS A 62 5.50 -6.62 5.80
CA LYS A 62 5.92 -7.99 5.97
C LYS A 62 6.66 -8.16 7.28
N PHE A 63 5.97 -8.68 8.29
CA PHE A 63 6.59 -9.02 9.55
C PHE A 63 7.35 -10.32 9.40
N LEU A 64 8.64 -10.29 9.70
CA LEU A 64 9.46 -11.48 9.61
C LEU A 64 9.61 -12.07 11.00
N LEU A 65 9.17 -13.32 11.15
CA LEU A 65 9.31 -14.03 12.42
C LEU A 65 10.38 -15.11 12.28
N ASP A 66 10.36 -16.12 13.14
CA ASP A 66 11.38 -17.16 13.07
C ASP A 66 11.21 -17.99 11.82
N ARG A 67 10.03 -18.55 11.64
CA ARG A 67 9.76 -19.43 10.53
C ARG A 67 8.85 -18.75 9.50
N ASP A 68 7.88 -18.00 10.01
CA ASP A 68 6.82 -17.42 9.18
C ASP A 68 7.02 -15.95 8.87
N ALA A 69 6.34 -15.47 7.84
CA ALA A 69 6.19 -14.05 7.61
C ALA A 69 4.70 -13.78 7.72
N LEU A 70 4.36 -12.67 8.35
CA LEU A 70 2.99 -12.20 8.40
C LEU A 70 2.91 -11.04 7.42
N ILE A 71 2.05 -11.17 6.43
CA ILE A 71 1.89 -10.15 5.43
C ILE A 71 0.60 -9.43 5.73
N SER A 72 0.70 -8.12 5.90
CA SER A 72 -0.41 -7.35 6.43
C SER A 72 -0.71 -6.14 5.54
N HIS A 73 -1.97 -5.97 5.18
CA HIS A 73 -2.37 -4.78 4.45
C HIS A 73 -3.38 -4.05 5.31
N LEU A 74 -3.14 -2.76 5.53
CA LEU A 74 -3.99 -1.93 6.39
C LEU A 74 -5.16 -1.26 5.64
N ARG A 75 -5.14 -1.29 4.31
CA ARG A 75 -6.06 -0.48 3.51
C ARG A 75 -6.05 0.97 4.02
N ALA A 76 -7.20 1.63 4.06
CA ALA A 76 -7.21 3.06 4.40
C ALA A 76 -7.03 3.38 5.88
N GLU A 77 -7.62 2.58 6.76
CA GLU A 77 -7.76 2.96 8.16
C GLU A 77 -7.19 1.98 9.18
N GLY A 78 -6.58 0.90 8.70
CA GLY A 78 -5.94 -0.06 9.58
C GLY A 78 -4.78 0.64 10.29
N ARG A 79 -4.52 0.26 11.53
CA ARG A 79 -3.47 0.89 12.32
C ARG A 79 -2.89 -0.11 13.31
N TYR A 80 -1.57 -0.06 13.49
CA TYR A 80 -0.92 -0.88 14.51
C TYR A 80 -0.48 -0.02 15.67
N ALA A 81 -0.55 -0.58 16.87
CA ALA A 81 -0.06 0.09 18.06
C ALA A 81 0.57 -0.95 18.95
N VAL A 82 1.58 -0.55 19.70
CA VAL A 82 2.19 -1.43 20.69
C VAL A 82 1.84 -0.88 22.07
N ALA A 83 1.30 -1.73 22.94
CA ALA A 83 0.82 -1.23 24.22
C ALA A 83 0.74 -2.35 25.24
N SER A 84 0.44 -2.00 26.48
CA SER A 84 0.43 -2.95 27.58
C SER A 84 -0.81 -3.87 27.58
N ALA A 85 -0.64 -5.15 27.86
CA ALA A 85 -1.76 -6.07 28.04
C ALA A 85 -2.62 -5.73 29.25
N LEU A 86 -2.14 -4.85 30.13
CA LEU A 86 -2.91 -4.50 31.32
C LEU A 86 -3.97 -3.44 31.06
N GLU A 87 -3.85 -2.72 29.95
CA GLU A 87 -4.76 -1.62 29.65
C GLU A 87 -5.89 -2.05 28.72
N PRO A 88 -7.05 -1.38 28.81
CA PRO A 88 -8.17 -1.74 27.92
C PRO A 88 -7.80 -1.55 26.47
N LEU A 89 -8.27 -2.45 25.61
CA LEU A 89 -8.06 -2.28 24.18
C LEU A 89 -8.84 -1.10 23.64
N GLU A 90 -8.28 -0.45 22.62
CA GLU A 90 -8.98 0.59 21.88
C GLU A 90 -10.14 -0.02 21.07
N PRO A 91 -11.14 0.79 20.73
CA PRO A 91 -12.27 0.26 19.95
C PRO A 91 -11.82 -0.23 18.58
N HIS A 92 -12.53 -1.23 18.06
CA HIS A 92 -12.26 -1.76 16.72
C HIS A 92 -10.94 -2.51 16.65
N THR A 93 -10.52 -3.09 17.77
CA THR A 93 -9.31 -3.91 17.76
C THR A 93 -9.71 -5.32 17.33
N HIS A 94 -9.13 -5.80 16.24
CA HIS A 94 -9.58 -7.06 15.64
C HIS A 94 -8.62 -8.19 15.83
N VAL A 95 -7.33 -7.87 15.92
CA VAL A 95 -6.34 -8.90 16.15
C VAL A 95 -5.29 -8.37 17.13
N VAL A 96 -4.91 -9.18 18.09
CA VAL A 96 -3.87 -8.79 19.04
C VAL A 96 -2.83 -9.89 19.14
N PHE A 97 -1.57 -9.51 18.95
CA PHE A 97 -0.46 -10.40 19.18
C PHE A 97 0.09 -10.08 20.57
N CYS A 98 -0.02 -11.04 21.48
CA CYS A 98 0.46 -10.87 22.86
C CYS A 98 1.89 -11.38 22.97
N PHE A 99 2.78 -10.53 23.46
CA PHE A 99 4.18 -10.92 23.63
C PHE A 99 4.44 -11.39 25.06
N THR A 100 5.50 -12.18 25.24
CA THR A 100 5.80 -12.73 26.55
C THR A 100 6.18 -11.63 27.56
N ASP A 101 6.44 -10.41 27.08
CA ASP A 101 6.84 -9.34 28.00
C ASP A 101 5.66 -8.51 28.49
N GLY A 102 4.44 -8.97 28.23
CA GLY A 102 3.28 -8.24 28.71
C GLY A 102 2.86 -7.10 27.79
N SER A 103 3.58 -6.92 26.68
CA SER A 103 3.15 -5.96 25.65
C SER A 103 2.40 -6.68 24.54
N GLU A 104 1.74 -5.91 23.69
CA GLU A 104 0.89 -6.43 22.63
C GLU A 104 1.09 -5.59 21.39
N LEU A 105 1.06 -6.24 20.24
CA LEU A 105 0.95 -5.51 18.98
C LEU A 105 -0.51 -5.65 18.60
N ARG A 106 -1.22 -4.52 18.53
CA ARG A 106 -2.65 -4.55 18.28
C ARG A 106 -2.94 -4.00 16.90
N TYR A 107 -3.85 -4.68 16.21
CA TYR A 107 -4.31 -4.21 14.92
C TYR A 107 -5.74 -3.71 15.06
N ARG A 108 -5.95 -2.43 14.73
N ARG A 108 -5.98 -2.45 14.71
CA ARG A 108 -7.28 -1.84 14.76
CA ARG A 108 -7.34 -1.92 14.77
C ARG A 108 -7.69 -1.51 13.33
C ARG A 108 -7.72 -1.26 13.46
N ASP A 109 -8.99 -1.40 13.10
CA ASP A 109 -9.47 -1.03 11.77
C ASP A 109 -10.97 -0.82 11.86
N VAL A 110 -11.38 0.43 11.98
CA VAL A 110 -12.80 0.72 12.07
C VAL A 110 -13.55 0.12 10.88
N ARG A 111 -12.87 -0.01 9.75
CA ARG A 111 -13.47 -0.43 8.50
C ARG A 111 -13.46 -1.97 8.35
N LYS A 112 -12.73 -2.64 9.24
CA LYS A 112 -12.60 -4.10 9.15
C LYS A 112 -12.23 -4.52 7.75
N PHE A 113 -11.34 -3.78 7.11
CA PHE A 113 -11.11 -3.95 5.68
C PHE A 113 -9.73 -4.54 5.37
N GLY A 114 -8.84 -4.56 6.36
CA GLY A 114 -7.48 -5.03 6.14
C GLY A 114 -7.38 -6.54 6.03
N THR A 115 -6.20 -7.04 5.68
CA THR A 115 -5.99 -8.48 5.49
C THR A 115 -4.68 -8.92 6.16
N MET A 116 -4.65 -10.17 6.58
CA MET A 116 -3.43 -10.82 7.09
C MET A 116 -3.26 -12.20 6.47
N HIS A 117 -2.06 -12.47 5.99
CA HIS A 117 -1.71 -13.79 5.46
C HIS A 117 -0.44 -14.23 6.17
N VAL A 118 -0.38 -15.49 6.59
CA VAL A 118 0.83 -16.04 7.16
C VAL A 118 1.28 -17.26 6.37
N TYR A 119 2.56 -17.25 5.97
CA TYR A 119 3.17 -18.37 5.28
C TYR A 119 4.58 -18.53 5.81
N ALA A 120 5.16 -19.71 5.61
CA ALA A 120 6.59 -19.85 5.82
C ALA A 120 7.26 -18.73 5.04
N LYS A 121 8.27 -18.13 5.65
CA LYS A 121 8.96 -16.98 5.06
C LYS A 121 9.34 -17.18 3.60
N GLU A 122 9.90 -18.34 3.29
CA GLU A 122 10.43 -18.60 1.95
C GLU A 122 9.34 -18.72 0.89
N GLU A 123 8.10 -18.75 1.33
CA GLU A 123 6.98 -18.93 0.42
C GLU A 123 6.21 -17.63 0.21
N ALA A 124 6.37 -16.70 1.13
CA ALA A 124 5.54 -15.51 1.16
C ALA A 124 5.57 -14.76 -0.17
N ASP A 125 6.75 -14.61 -0.74
CA ASP A 125 6.89 -13.84 -1.97
C ASP A 125 6.23 -14.45 -3.20
N ARG A 126 5.94 -15.75 -3.16
N ARG A 126 5.94 -15.75 -3.16
CA ARG A 126 5.31 -16.40 -4.31
CA ARG A 126 5.31 -16.38 -4.31
C ARG A 126 3.87 -16.80 -4.04
C ARG A 126 3.83 -16.73 -4.09
N ARG A 127 3.30 -16.29 -2.96
CA ARG A 127 1.90 -16.52 -2.64
C ARG A 127 1.15 -15.20 -2.57
N PRO A 128 -0.18 -15.24 -2.59
CA PRO A 128 -0.93 -14.01 -2.35
C PRO A 128 -0.64 -13.51 -0.96
N PRO A 129 -0.67 -12.19 -0.76
CA PRO A 129 -0.95 -11.17 -1.76
C PRO A 129 0.30 -10.56 -2.38
N LEU A 130 1.48 -11.10 -2.09
CA LEU A 130 2.71 -10.54 -2.66
C LEU A 130 3.02 -11.05 -4.06
N ALA A 131 2.54 -12.24 -4.38
CA ALA A 131 2.76 -12.79 -5.73
C ALA A 131 2.28 -11.79 -6.79
N GLU A 132 3.09 -11.54 -7.80
CA GLU A 132 2.65 -10.71 -8.93
C GLU A 132 2.77 -9.21 -8.66
N LEU A 133 3.06 -8.83 -7.42
CA LEU A 133 3.22 -7.40 -7.10
C LEU A 133 4.32 -6.78 -7.97
N GLY A 134 4.04 -5.62 -8.58
CA GLY A 134 5.02 -4.97 -9.45
C GLY A 134 6.17 -4.36 -8.68
N PRO A 135 7.12 -3.72 -9.39
CA PRO A 135 8.31 -3.13 -8.77
C PRO A 135 8.03 -1.92 -7.89
N GLU A 136 8.90 -1.68 -6.92
CA GLU A 136 8.84 -0.47 -6.11
C GLU A 136 8.99 0.75 -7.01
N PRO A 137 8.09 1.73 -6.86
CA PRO A 137 8.14 2.92 -7.73
C PRO A 137 9.44 3.72 -7.57
N LEU A 138 10.11 3.63 -6.43
CA LEU A 138 11.37 4.33 -6.25
C LEU A 138 12.60 3.46 -6.59
N SER A 139 12.36 2.30 -7.19
CA SER A 139 13.44 1.39 -7.53
C SER A 139 13.81 1.48 -9.00
N PRO A 140 15.05 1.14 -9.36
CA PRO A 140 15.48 1.12 -10.76
C PRO A 140 14.68 0.09 -11.55
N ALA A 141 14.08 -0.87 -10.86
CA ALA A 141 13.27 -1.89 -11.51
C ALA A 141 12.01 -1.27 -12.12
N PHE A 142 11.61 -0.10 -11.61
CA PHE A 142 10.52 0.65 -12.20
C PHE A 142 11.12 1.75 -13.08
N SER A 143 11.19 1.50 -14.38
CA SER A 143 11.84 2.41 -15.31
C SER A 143 10.87 2.88 -16.38
N PRO A 144 11.22 3.96 -17.10
CA PRO A 144 10.40 4.39 -18.23
C PRO A 144 10.20 3.23 -19.22
N ALA A 145 11.25 2.46 -19.46
CA ALA A 145 11.16 1.36 -20.41
C ALA A 145 10.09 0.35 -19.95
N VAL A 146 10.13 0.02 -18.67
CA VAL A 146 9.17 -0.93 -18.12
C VAL A 146 7.77 -0.37 -18.25
N LEU A 147 7.61 0.89 -17.86
CA LEU A 147 6.32 1.55 -17.97
C LEU A 147 5.84 1.56 -19.43
N ALA A 148 6.72 1.96 -20.34
CA ALA A 148 6.37 2.00 -21.77
C ALA A 148 5.87 0.65 -22.26
N GLU A 149 6.53 -0.41 -21.81
CA GLU A 149 6.19 -1.76 -22.26
C GLU A 149 4.79 -2.16 -21.83
N ARG A 150 4.45 -1.87 -20.58
CA ARG A 150 3.11 -2.18 -20.09
C ARG A 150 2.07 -1.31 -20.81
N ALA A 151 2.44 -0.06 -21.09
CA ALA A 151 1.52 0.88 -21.70
C ALA A 151 1.10 0.45 -23.11
N VAL A 152 2.08 0.09 -23.92
CA VAL A 152 1.80 -0.28 -25.32
C VAL A 152 0.91 -1.51 -25.40
N LYS A 153 1.10 -2.46 -24.49
CA LYS A 153 0.43 -3.76 -24.56
C LYS A 153 -1.03 -3.74 -24.11
N THR A 154 -1.48 -2.63 -23.53
CA THR A 154 -2.83 -2.59 -22.98
C THR A 154 -3.76 -1.66 -23.72
N LYS A 155 -5.05 -1.89 -23.57
CA LYS A 155 -6.06 -1.03 -24.16
C LYS A 155 -6.66 -0.12 -23.09
N ARG A 156 -6.17 -0.26 -21.86
N ARG A 156 -6.18 -0.28 -21.85
CA ARG A 156 -6.70 0.45 -20.70
CA ARG A 156 -6.69 0.46 -20.71
C ARG A 156 -6.18 1.88 -20.63
C ARG A 156 -6.23 1.91 -20.69
N SER A 157 -6.89 2.73 -19.88
CA SER A 157 -6.47 4.11 -19.68
C SER A 157 -5.12 4.14 -18.93
N VAL A 158 -4.41 5.26 -19.04
CA VAL A 158 -3.16 5.39 -18.30
C VAL A 158 -3.40 5.34 -16.79
N LYS A 159 -4.53 5.87 -16.32
CA LYS A 159 -4.84 5.77 -14.90
C LYS A 159 -5.06 4.32 -14.46
N ALA A 160 -5.78 3.55 -15.27
CA ALA A 160 -6.01 2.15 -14.95
C ALA A 160 -4.67 1.42 -14.85
N LEU A 161 -3.75 1.76 -15.74
CA LEU A 161 -2.45 1.11 -15.75
C LEU A 161 -1.69 1.38 -14.46
N LEU A 162 -1.68 2.64 -14.04
CA LEU A 162 -0.91 3.02 -12.86
C LEU A 162 -1.50 2.48 -11.58
N LEU A 163 -2.80 2.18 -11.61
CA LEU A 163 -3.48 1.62 -10.44
C LEU A 163 -3.27 0.12 -10.35
N ASP A 164 -2.71 -0.46 -11.41
CA ASP A 164 -2.53 -1.90 -11.46
C ASP A 164 -1.33 -2.28 -10.60
N CYS A 165 -1.59 -3.01 -9.52
CA CYS A 165 -0.54 -3.42 -8.60
C CYS A 165 0.54 -4.27 -9.26
N THR A 166 0.24 -4.88 -10.41
CA THR A 166 1.26 -5.68 -11.10
C THR A 166 2.18 -4.78 -11.93
N VAL A 167 1.77 -3.54 -12.14
CA VAL A 167 2.58 -2.61 -12.94
C VAL A 167 3.59 -1.88 -12.06
N VAL A 168 3.13 -1.40 -10.92
CA VAL A 168 3.98 -0.72 -9.96
C VAL A 168 3.34 -0.89 -8.59
N ALA A 169 4.16 -1.10 -7.57
CA ALA A 169 3.63 -1.46 -6.25
C ALA A 169 3.13 -0.28 -5.45
N GLY A 170 1.86 -0.34 -5.05
CA GLY A 170 1.35 0.53 -4.02
C GLY A 170 1.15 1.99 -4.40
N PHE A 171 0.96 2.27 -5.68
CA PHE A 171 0.68 3.62 -6.15
C PHE A 171 -0.83 3.85 -6.06
N GLY A 172 -1.26 4.54 -5.03
CA GLY A 172 -2.68 4.67 -4.80
C GLY A 172 -3.34 5.74 -5.66
N ASN A 173 -4.65 5.84 -5.51
CA ASN A 173 -5.46 6.79 -6.26
C ASN A 173 -4.93 8.22 -6.20
N ILE A 174 -4.53 8.65 -5.02
CA ILE A 174 -4.10 10.03 -4.85
C ILE A 174 -2.84 10.32 -5.65
N TYR A 175 -1.85 9.46 -5.51
CA TYR A 175 -0.58 9.67 -6.20
C TYR A 175 -0.73 9.52 -7.71
N VAL A 176 -1.62 8.64 -8.14
CA VAL A 176 -1.93 8.53 -9.57
C VAL A 176 -2.43 9.87 -10.13
N ASP A 177 -3.45 10.45 -9.51
CA ASP A 177 -3.99 11.74 -9.99
C ASP A 177 -2.96 12.87 -9.91
N GLU A 178 -2.24 12.96 -8.80
CA GLU A 178 -1.21 13.98 -8.63
C GLU A 178 -0.10 13.85 -9.66
N SER A 179 0.36 12.62 -9.91
CA SER A 179 1.49 12.40 -10.83
C SER A 179 1.13 12.73 -12.27
N LEU A 180 -0.08 12.35 -12.66
CA LEU A 180 -0.59 12.61 -14.00
C LEU A 180 -0.76 14.12 -14.22
N PHE A 181 -1.26 14.80 -13.20
CA PHE A 181 -1.31 16.27 -13.28
C PHE A 181 0.07 16.89 -13.47
N ARG A 182 1.03 16.48 -12.65
CA ARG A 182 2.38 17.03 -12.75
C ARG A 182 3.08 16.69 -14.09
N ALA A 183 2.71 15.55 -14.68
CA ALA A 183 3.22 15.13 -15.98
C ALA A 183 2.45 15.76 -17.16
N GLY A 184 1.34 16.43 -16.90
CA GLY A 184 0.55 17.08 -17.94
C GLY A 184 -0.24 16.10 -18.82
N ILE A 185 -0.65 14.99 -18.22
CA ILE A 185 -1.31 13.90 -18.96
C ILE A 185 -2.70 13.61 -18.40
N LEU A 186 -3.72 13.61 -19.27
CA LEU A 186 -5.08 13.30 -18.83
C LEU A 186 -5.20 11.86 -18.37
N PRO A 187 -5.91 11.62 -17.26
CA PRO A 187 -5.97 10.27 -16.68
C PRO A 187 -6.74 9.30 -17.60
N GLY A 188 -7.67 9.82 -18.39
CA GLY A 188 -8.47 9.00 -19.28
C GLY A 188 -7.78 8.62 -20.58
N ARG A 189 -6.60 9.19 -20.85
CA ARG A 189 -5.84 8.85 -22.05
C ARG A 189 -5.57 7.35 -22.10
N PRO A 190 -5.75 6.72 -23.28
CA PRO A 190 -5.29 5.34 -23.42
C PRO A 190 -3.79 5.29 -23.10
N ALA A 191 -3.39 4.31 -22.31
CA ALA A 191 -1.98 4.17 -21.95
C ALA A 191 -1.13 4.09 -23.21
N ALA A 192 -1.64 3.39 -24.22
CA ALA A 192 -0.89 3.17 -25.45
C ALA A 192 -0.75 4.43 -26.30
N SER A 193 -1.49 5.48 -25.95
CA SER A 193 -1.42 6.71 -26.75
C SER A 193 -0.28 7.63 -26.29
N LEU A 194 0.35 7.29 -25.17
CA LEU A 194 1.43 8.11 -24.64
C LEU A 194 2.71 8.02 -25.47
N SER A 195 3.27 9.16 -25.84
CA SER A 195 4.54 9.19 -26.56
C SER A 195 5.68 8.80 -25.63
N SER A 196 6.84 8.53 -26.19
CA SER A 196 8.02 8.23 -25.38
C SER A 196 8.29 9.39 -24.44
N LYS A 197 8.20 10.61 -24.96
CA LYS A 197 8.40 11.81 -24.16
C LYS A 197 7.45 11.82 -22.96
N GLU A 198 6.20 11.47 -23.20
CA GLU A 198 5.18 11.49 -22.17
C GLU A 198 5.43 10.40 -21.13
N ILE A 199 5.86 9.23 -21.61
CA ILE A 199 6.17 8.12 -20.70
C ILE A 199 7.30 8.50 -19.76
N GLU A 200 8.34 9.10 -20.34
CA GLU A 200 9.49 9.58 -19.55
C GLU A 200 9.05 10.59 -18.51
N ARG A 201 8.28 11.57 -18.94
CA ARG A 201 7.83 12.63 -18.06
C ARG A 201 6.97 12.07 -16.92
N LEU A 202 6.06 11.14 -17.26
CA LEU A 202 5.21 10.49 -16.27
C LEU A 202 6.04 9.70 -15.25
N HIS A 203 6.95 8.88 -15.74
CA HIS A 203 7.83 8.16 -14.83
C HIS A 203 8.51 9.13 -13.87
N GLU A 204 9.04 10.21 -14.44
CA GLU A 204 9.75 11.22 -13.65
C GLU A 204 8.88 11.84 -12.56
N GLU A 205 7.62 12.11 -12.85
CA GLU A 205 6.73 12.72 -11.87
C GLU A 205 6.20 11.73 -10.84
N MET A 206 6.02 10.47 -11.25
CA MET A 206 5.63 9.44 -10.31
C MET A 206 6.69 9.32 -9.23
N VAL A 207 7.94 9.25 -9.66
CA VAL A 207 9.06 9.15 -8.73
C VAL A 207 9.17 10.37 -7.84
N ALA A 208 9.07 11.56 -8.42
CA ALA A 208 9.15 12.79 -7.66
C ALA A 208 7.98 12.92 -6.70
N THR A 209 6.79 12.62 -7.19
CA THR A 209 5.60 12.69 -6.36
C THR A 209 5.73 11.78 -5.15
N ILE A 210 6.07 10.52 -5.39
CA ILE A 210 6.10 9.57 -4.30
C ILE A 210 7.40 9.70 -3.50
N GLY A 211 8.45 10.18 -4.15
CA GLY A 211 9.72 10.40 -3.50
C GLY A 211 9.68 11.56 -2.54
N GLU A 212 9.02 12.64 -2.96
CA GLU A 212 8.80 13.80 -2.10
C GLU A 212 8.01 13.42 -0.84
N ALA A 213 7.02 12.56 -1.01
CA ALA A 213 6.19 12.13 0.11
C ALA A 213 6.98 11.33 1.13
N VAL A 214 7.96 10.56 0.67
CA VAL A 214 8.84 9.82 1.58
C VAL A 214 10.02 10.68 2.04
N MET A 215 9.71 11.87 2.55
CA MET A 215 10.72 12.77 3.08
C MET A 215 10.33 13.29 4.45
N HIS A 237 -0.22 19.14 0.59
CA HIS A 237 0.03 19.94 -0.61
C HIS A 237 -0.31 19.18 -1.88
N LEU A 238 -1.58 19.24 -2.26
CA LEU A 238 -2.09 18.52 -3.42
C LEU A 238 -2.43 19.49 -4.53
N TYR A 239 -2.23 19.09 -5.77
CA TYR A 239 -2.60 19.93 -6.91
C TYR A 239 -4.03 19.68 -7.36
N VAL A 240 -4.47 18.43 -7.31
CA VAL A 240 -5.77 18.11 -7.87
C VAL A 240 -6.64 17.22 -7.00
N TYR A 241 -6.05 16.25 -6.30
CA TYR A 241 -6.89 15.28 -5.59
C TYR A 241 -7.76 15.96 -4.54
N GLY A 242 -9.07 15.78 -4.66
CA GLY A 242 -10.02 16.34 -3.71
C GLY A 242 -10.29 17.83 -3.90
N ARG A 243 -9.69 18.42 -4.93
CA ARG A 243 -9.78 19.87 -5.09
C ARG A 243 -10.77 20.28 -6.17
N GLN A 244 -11.64 19.35 -6.58
CA GLN A 244 -12.62 19.63 -7.62
C GLN A 244 -13.39 20.89 -7.30
N GLY A 245 -13.63 21.70 -8.33
CA GLY A 245 -14.29 22.98 -8.17
C GLY A 245 -13.39 24.12 -7.73
N ASN A 246 -12.20 23.79 -7.24
CA ASN A 246 -11.23 24.83 -6.85
C ASN A 246 -10.24 25.14 -7.98
N PRO A 247 -9.61 26.31 -7.94
CA PRO A 247 -8.69 26.71 -9.01
C PRO A 247 -7.42 25.85 -9.03
N CYS A 248 -7.02 25.44 -10.24
CA CYS A 248 -5.73 24.81 -10.42
C CYS A 248 -4.66 25.74 -9.85
N LYS A 249 -3.66 25.17 -9.20
CA LYS A 249 -2.59 25.96 -8.58
C LYS A 249 -1.57 26.46 -9.60
N ARG A 250 -1.56 25.86 -10.79
CA ARG A 250 -0.65 26.29 -11.85
C ARG A 250 -1.28 27.25 -12.86
N CYS A 251 -2.56 27.07 -13.18
CA CYS A 251 -3.15 27.90 -14.23
C CYS A 251 -4.47 28.55 -13.85
N GLY A 252 -5.01 28.19 -12.69
CA GLY A 252 -6.24 28.81 -12.21
C GLY A 252 -7.54 28.22 -12.75
N THR A 253 -7.42 27.31 -13.71
CA THR A 253 -8.60 26.60 -14.24
C THR A 253 -9.23 25.69 -13.17
N PRO A 254 -10.57 25.70 -13.06
CA PRO A 254 -11.18 24.85 -12.02
C PRO A 254 -10.85 23.38 -12.19
N ILE A 255 -10.38 22.74 -11.12
CA ILE A 255 -10.15 21.31 -11.13
C ILE A 255 -11.46 20.57 -11.34
N GLU A 256 -11.43 19.53 -12.15
CA GLU A 256 -12.64 18.74 -12.38
C GLU A 256 -12.49 17.33 -11.82
N LYS A 257 -13.62 16.68 -11.61
CA LYS A 257 -13.62 15.31 -11.10
C LYS A 257 -14.57 14.45 -11.92
N THR A 258 -14.09 13.29 -12.34
CA THR A 258 -14.92 12.31 -13.03
C THR A 258 -14.63 10.93 -12.49
N VAL A 259 -15.22 9.93 -13.13
CA VAL A 259 -14.93 8.54 -12.79
C VAL A 259 -14.08 7.95 -13.90
N VAL A 260 -12.93 7.43 -13.53
CA VAL A 260 -12.04 6.78 -14.48
C VAL A 260 -11.51 5.54 -13.80
N ALA A 261 -11.54 4.42 -14.53
CA ALA A 261 -11.06 3.16 -13.98
C ALA A 261 -11.73 2.85 -12.65
N GLY A 262 -12.99 3.24 -12.52
CA GLY A 262 -13.79 2.94 -11.34
C GLY A 262 -13.45 3.76 -10.10
N ARG A 263 -12.62 4.78 -10.28
CA ARG A 263 -12.21 5.61 -9.16
C ARG A 263 -12.63 7.07 -9.33
N GLY A 264 -12.78 7.78 -8.22
CA GLY A 264 -12.86 9.22 -8.26
C GLY A 264 -11.56 9.74 -8.86
N THR A 265 -11.67 10.58 -9.89
CA THR A 265 -10.52 11.02 -10.67
C THR A 265 -10.51 12.55 -10.81
N HIS A 266 -9.37 13.17 -10.51
CA HIS A 266 -9.29 14.62 -10.42
C HIS A 266 -8.25 15.14 -11.38
N TYR A 267 -8.53 16.22 -12.09
CA TYR A 267 -7.57 16.69 -13.10
C TYR A 267 -7.84 18.14 -13.49
N CYS A 268 -6.81 18.77 -14.07
CA CYS A 268 -6.97 20.09 -14.66
C CYS A 268 -7.07 19.94 -16.17
N PRO A 269 -8.20 20.35 -16.75
CA PRO A 269 -8.39 20.15 -18.19
C PRO A 269 -7.54 21.09 -19.06
N ARG A 270 -6.84 22.05 -18.46
CA ARG A 270 -5.89 22.87 -19.23
C ARG A 270 -4.44 22.39 -19.11
N CYS A 271 -3.97 22.12 -17.90
CA CYS A 271 -2.62 21.62 -17.72
C CYS A 271 -2.42 20.21 -18.28
N GLN A 272 -3.46 19.39 -18.26
CA GLN A 272 -3.32 17.99 -18.68
C GLN A 272 -3.94 17.77 -20.05
N ARG A 273 -3.22 17.04 -20.90
CA ARG A 273 -3.61 16.84 -22.30
C ARG A 273 -3.57 15.36 -22.67
P 8OG C 8 -12.63 6.70 -4.39
OP1 8OG C 8 -12.64 8.15 -4.05
OP2 8OG C 8 -12.98 6.27 -5.75
O5' 8OG C 8 -11.19 6.03 -4.08
C5' 8OG C 8 -10.50 6.17 -2.84
C4' 8OG C 8 -10.12 4.83 -2.23
O4' 8OG C 8 -11.31 4.14 -1.78
C3' 8OG C 8 -9.37 3.79 -3.08
O3' 8OG C 8 -7.96 3.97 -2.90
C2' 8OG C 8 -9.80 2.45 -2.48
C1' 8OG C 8 -10.98 2.78 -1.57
N9 8OG C 8 -12.19 1.98 -1.84
C8 8OG C 8 -12.65 1.60 -3.09
N7 8OG C 8 -13.75 0.92 -2.93
C5 8OG C 8 -14.04 0.82 -1.59
C6 8OG C 8 -15.11 0.20 -0.89
O6 8OG C 8 -16.07 -0.44 -1.37
N1 8OG C 8 -15.00 0.38 0.49
C2 8OG C 8 -13.98 1.07 1.11
N2 8OG C 8 -14.03 1.13 2.46
N3 8OG C 8 -12.98 1.65 0.45
C4 8OG C 8 -13.07 1.50 -0.89
O8 8OG C 8 -12.10 1.87 -4.17
P TX2 C 11 -3.81 -8.95 -4.29
S TX2 C 11 -0.58 -7.24 -7.62
N1 TX2 C 11 -8.38 -9.46 -5.65
C2 TX2 C 11 -9.76 -9.24 -5.78
O2 TX2 C 11 -10.56 -9.92 -5.13
N3 TX2 C 11 -10.21 -8.26 -6.65
C4 TX2 C 11 -9.31 -7.49 -7.38
N4 TX2 C 11 -2.33 -8.36 -4.34
O4 TX2 C 11 -9.74 -6.62 -8.14
C5 TX2 C 11 -7.94 -7.71 -7.25
C6 TX2 C 11 -7.48 -8.70 -6.38
C7 TX2 C 11 -6.92 -6.88 -8.06
C1' TX2 C 11 -7.93 -10.51 -4.71
C2' TX2 C 11 -7.13 -11.71 -5.23
C3' TX2 C 11 -6.19 -12.01 -4.05
O3' TX2 C 11 -6.59 -13.20 -3.37
C4' TX2 C 11 -6.41 -10.83 -3.10
O4' TX2 C 11 -6.96 -9.82 -3.92
C5' TX2 C 11 -5.10 -10.33 -2.47
O5' TX2 C 11 -4.03 -10.27 -3.42
C7' TX2 C 11 -1.54 -8.74 -5.51
C8' TX2 C 11 -0.55 -7.65 -5.84
OP1 TX2 C 11 -4.56 -8.91 -5.56
ZN ZN D . -4.05 23.86 -14.57
#